data_6X3D
#
_entry.id   6X3D
#
_cell.length_a   73.253
_cell.length_b   84.006
_cell.length_c   41.344
_cell.angle_alpha   90.000
_cell.angle_beta   106.210
_cell.angle_gamma   90.000
#
_symmetry.space_group_name_H-M   'C 1 2 1'
#
loop_
_entity.id
_entity.type
_entity.pdbx_description
1 polymer 'Endothelial PAS domain-containing protein 1'
2 polymer 'Aryl hydrocarbon receptor nuclear translocator'
3 non-polymer (6R,7S)-4-[(3,3-difluorocyclobutyl)oxy]-6-fluoro-1-(trifluoromethyl)-6,7-dihydro-5H-cyclopenta[c]pyridin-7-ol
4 water water
#
loop_
_entity_poly.entity_id
_entity_poly.type
_entity_poly.pdbx_seq_one_letter_code
_entity_poly.pdbx_strand_id
1 'polypeptide(L)'
;GEFKGLDSKTFLSEHSMDMKFTYCDDRITELIGYHPEELLGRSAYEFYHALDSENMTKSHQNLCTKGQVVSGQYRMLAKH
GGYVWLETQGTVIYNPRNLQPQCIMCVNYVLSEIE
;
A
2 'polypeptide(L)'
;GEFLGNVCQPTRFISRHNIEGIFTFVDHRCVATVGYQPQELLGKNIVEFCHPEDQQLLRDSFQQVVKLKGQVLSVMFRFR
SKNQEWLWMRTSSFTFQNPYSDEIEYIICTNTNVKNS
;
B
#
loop_
_chem_comp.id
_chem_comp.type
_chem_comp.name
_chem_comp.formula
ULM non-polymer (6R,7S)-4-[(3,3-difluorocyclobutyl)oxy]-6-fluoro-1-(trifluoromethyl)-6,7-dihydro-5H-cyclopenta[c]pyridin-7-ol 'C13 H11 F6 N O2'
#
# COMPACT_ATOMS: atom_id res chain seq x y z
N LYS A 4 9.88 -11.97 27.20
CA LYS A 4 9.78 -10.58 26.68
C LYS A 4 8.80 -9.73 27.50
N GLY A 5 9.33 -8.75 28.26
CA GLY A 5 8.52 -7.79 29.04
C GLY A 5 7.57 -6.96 28.18
N LEU A 6 6.65 -6.20 28.80
CA LEU A 6 5.58 -5.53 28.02
C LEU A 6 6.12 -4.40 27.21
N ASP A 7 6.98 -3.62 27.85
CA ASP A 7 7.70 -2.57 27.16
C ASP A 7 8.46 -3.14 25.95
N SER A 8 8.86 -4.40 26.03
CA SER A 8 9.64 -4.99 24.96
C SER A 8 8.81 -5.37 23.78
N LYS A 9 7.49 -5.40 23.92
CA LYS A 9 6.69 -5.78 22.77
C LYS A 9 5.92 -4.58 22.21
N THR A 10 6.39 -3.39 22.53
CA THR A 10 5.68 -2.18 22.18
C THR A 10 6.62 -1.27 21.44
N PHE A 11 6.17 -0.71 20.32
CA PHE A 11 7.00 0.27 19.62
C PHE A 11 6.07 1.38 19.15
N LEU A 12 6.63 2.58 18.96
CA LEU A 12 5.84 3.69 18.44
C LEU A 12 6.04 3.83 16.94
N SER A 13 5.00 4.21 16.25
CA SER A 13 5.16 4.66 14.86
C SER A 13 4.43 5.98 14.62
N GLU A 14 4.92 6.78 13.66
CA GLU A 14 4.23 8.01 13.23
C GLU A 14 3.92 7.93 11.75
N HIS A 15 2.76 8.44 11.39
CA HIS A 15 2.31 8.32 10.06
C HIS A 15 1.74 9.63 9.55
N SER A 16 1.96 9.96 8.28
CA SER A 16 1.09 10.95 7.61
C SER A 16 -0.34 10.48 7.43
N MET A 17 -1.23 11.40 7.07
CA MET A 17 -2.66 11.10 6.93
C MET A 17 -2.99 9.99 5.90
N ASP A 18 -2.08 9.76 4.94
CA ASP A 18 -2.16 8.65 3.95
C ASP A 18 -1.59 7.31 4.45
N MET A 19 -1.37 7.13 5.78
CA MET A 19 -0.68 5.94 6.39
C MET A 19 0.83 5.76 6.12
N LYS A 20 1.52 6.68 5.47
CA LYS A 20 2.95 6.42 5.26
C LYS A 20 3.70 6.56 6.55
N PHE A 21 4.70 5.70 6.81
CA PHE A 21 5.60 5.91 7.90
C PHE A 21 6.31 7.26 7.73
N THR A 22 6.35 8.08 8.79
CA THR A 22 7.30 9.19 8.86
C THR A 22 8.29 9.01 10.00
N TYR A 23 8.02 8.06 10.91
CA TYR A 23 8.90 7.76 11.98
C TYR A 23 8.60 6.37 12.53
N CYS A 24 9.60 5.63 12.97
CA CYS A 24 9.39 4.35 13.65
C CYS A 24 10.49 4.09 14.69
N ASP A 25 10.13 3.55 15.87
CA ASP A 25 11.07 3.16 16.91
C ASP A 25 11.95 2.06 16.38
N ASP A 26 13.22 2.13 16.75
CA ASP A 26 14.20 1.06 16.47
C ASP A 26 13.74 -0.30 17.04
N ARG A 27 12.91 -0.28 18.08
CA ARG A 27 12.36 -1.52 18.62
C ARG A 27 11.62 -2.40 17.59
N ILE A 28 11.14 -1.78 16.51
CA ILE A 28 10.39 -2.51 15.53
C ILE A 28 11.32 -3.55 14.94
N THR A 29 12.62 -3.30 15.04
CA THR A 29 13.61 -4.24 14.43
C THR A 29 13.60 -5.66 15.03
N GLU A 30 13.75 -5.77 16.34
CA GLU A 30 13.79 -7.08 16.99
C GLU A 30 12.44 -7.79 17.01
N LEU A 31 11.37 -7.07 16.72
CA LEU A 31 10.06 -7.67 16.69
C LEU A 31 9.62 -8.16 15.31
N ILE A 32 9.82 -7.34 14.26
CA ILE A 32 9.21 -7.64 12.96
C ILE A 32 10.23 -7.67 11.83
N GLY A 33 11.49 -7.45 12.16
CA GLY A 33 12.58 -7.40 11.19
C GLY A 33 12.97 -6.05 10.56
N TYR A 34 12.00 -5.20 10.22
CA TYR A 34 12.34 -4.02 9.43
C TYR A 34 13.14 -3.00 10.19
N HIS A 35 13.94 -2.25 9.44
CA HIS A 35 14.70 -1.12 9.96
C HIS A 35 13.93 0.14 9.72
N PRO A 36 13.81 1.02 10.75
CA PRO A 36 12.98 2.21 10.59
C PRO A 36 13.23 2.92 9.28
N GLU A 37 14.50 3.20 9.03
CA GLU A 37 14.98 3.82 7.79
C GLU A 37 14.30 3.27 6.52
N GLU A 38 14.08 1.96 6.43
CA GLU A 38 13.47 1.41 5.21
C GLU A 38 11.91 1.42 5.22
N LEU A 39 11.34 1.95 6.29
CA LEU A 39 9.89 2.01 6.36
C LEU A 39 9.44 3.37 5.89
N LEU A 40 10.18 4.42 6.18
CA LEU A 40 9.87 5.77 5.66
C LEU A 40 9.26 5.87 4.26
N GLY A 41 8.22 6.70 4.14
CA GLY A 41 7.51 6.84 2.88
C GLY A 41 6.70 5.63 2.43
N ARG A 42 6.83 4.45 3.07
CA ARG A 42 5.98 3.30 2.63
C ARG A 42 4.69 3.31 3.44
N SER A 43 3.56 3.04 2.79
CA SER A 43 2.26 3.05 3.49
C SER A 43 2.13 1.81 4.37
N ALA A 44 1.61 2.01 5.59
CA ALA A 44 1.35 0.88 6.53
C ALA A 44 0.53 -0.18 5.79
N TYR A 45 -0.36 0.26 4.89
CA TYR A 45 -1.30 -0.67 4.22
C TYR A 45 -0.58 -1.81 3.49
N GLU A 46 0.63 -1.55 3.01
CA GLU A 46 1.37 -2.57 2.32
C GLU A 46 1.69 -3.77 3.19
N PHE A 47 1.69 -3.59 4.52
CA PHE A 47 2.15 -4.65 5.40
C PHE A 47 1.01 -5.47 6.00
N TYR A 48 -0.24 -5.05 5.80
CA TYR A 48 -1.38 -5.74 6.34
C TYR A 48 -1.75 -7.04 5.58
N HIS A 49 -2.01 -8.11 6.32
CA HIS A 49 -2.60 -9.30 5.79
C HIS A 49 -3.88 -8.96 5.06
N ALA A 50 -4.10 -9.63 3.93
CA ALA A 50 -5.28 -9.38 3.10
C ALA A 50 -6.57 -9.55 3.90
N LEU A 51 -6.60 -10.56 4.77
CA LEU A 51 -7.78 -10.85 5.54
C LEU A 51 -8.15 -9.74 6.52
N ASP A 52 -7.22 -8.80 6.78
CA ASP A 52 -7.43 -7.67 7.72
C ASP A 52 -7.55 -6.34 7.03
N SER A 53 -7.27 -6.34 5.74
CA SER A 53 -7.29 -5.08 5.01
C SER A 53 -8.53 -4.19 5.23
N GLU A 54 -9.72 -4.74 5.04
CA GLU A 54 -10.95 -3.91 5.11
C GLU A 54 -11.19 -3.35 6.51
N ASN A 55 -11.12 -4.22 7.52
CA ASN A 55 -11.13 -3.81 8.95
C ASN A 55 -10.16 -2.62 9.24
N MET A 56 -8.90 -2.71 8.76
CA MET A 56 -7.90 -1.65 8.93
C MET A 56 -8.22 -0.35 8.20
N THR A 57 -8.74 -0.46 6.97
CA THR A 57 -9.37 0.67 6.28
C THR A 57 -10.49 1.29 7.15
N LYS A 58 -11.28 0.46 7.85
CA LYS A 58 -12.39 1.05 8.64
C LYS A 58 -11.88 1.70 9.93
N SER A 59 -10.96 0.99 10.60
CA SER A 59 -10.23 1.53 11.76
C SER A 59 -9.63 2.89 11.44
N HIS A 60 -9.01 3.02 10.27
CA HIS A 60 -8.46 4.28 9.81
C HIS A 60 -9.53 5.31 9.59
N GLN A 61 -10.61 4.94 8.91
CA GLN A 61 -11.74 5.87 8.74
C GLN A 61 -12.32 6.39 10.07
N ASN A 62 -12.44 5.53 11.08
CA ASN A 62 -12.88 5.92 12.43
C ASN A 62 -11.91 6.82 13.15
N LEU A 63 -10.62 6.64 12.85
CA LEU A 63 -9.54 7.45 13.40
C LEU A 63 -9.61 8.84 12.77
N CYS A 64 -9.80 8.86 11.46
CA CYS A 64 -9.73 10.09 10.71
C CYS A 64 -10.90 11.02 11.07
N THR A 65 -12.05 10.46 11.45
CA THR A 65 -13.20 11.30 11.77
C THR A 65 -13.29 11.59 13.27
N LYS A 66 -12.86 10.65 14.10
CA LYS A 66 -12.94 10.82 15.55
C LYS A 66 -11.65 11.24 16.28
N GLY A 67 -10.49 11.16 15.64
CA GLY A 67 -9.22 11.47 16.33
C GLY A 67 -8.49 10.37 17.14
N GLN A 68 -9.20 9.30 17.51
CA GLN A 68 -8.62 8.22 18.32
C GLN A 68 -9.24 6.93 17.86
N VAL A 69 -8.50 5.83 17.99
CA VAL A 69 -8.99 4.50 17.63
C VAL A 69 -8.14 3.40 18.23
N VAL A 70 -8.79 2.26 18.48
CA VAL A 70 -8.12 1.03 18.82
C VAL A 70 -8.41 0.11 17.62
N SER A 71 -7.35 -0.40 16.99
CA SER A 71 -7.44 -1.24 15.82
C SER A 71 -8.12 -2.57 16.15
N GLY A 72 -7.91 -3.05 17.37
CA GLY A 72 -8.11 -4.47 17.59
C GLY A 72 -7.20 -5.23 16.62
N GLN A 73 -7.33 -6.55 16.62
CA GLN A 73 -6.24 -7.41 16.21
C GLN A 73 -6.04 -7.53 14.70
N TYR A 74 -4.76 -7.52 14.34
CA TYR A 74 -4.41 -7.56 12.94
C TYR A 74 -3.02 -8.20 12.80
N ARG A 75 -2.79 -8.69 11.60
CA ARG A 75 -1.57 -9.37 11.27
C ARG A 75 -0.84 -8.41 10.38
N MET A 76 0.43 -8.31 10.73
CA MET A 76 1.48 -7.50 10.12
C MET A 76 2.53 -8.44 9.56
N LEU A 77 2.82 -8.29 8.28
CA LEU A 77 3.84 -9.08 7.57
C LEU A 77 5.27 -8.86 8.08
N ALA A 78 5.94 -9.93 8.50
CA ALA A 78 7.32 -9.83 9.05
C ALA A 78 8.29 -9.68 7.92
N LYS A 79 9.47 -9.17 8.21
CA LYS A 79 10.38 -8.92 7.12
C LYS A 79 10.84 -10.24 6.52
N HIS A 80 11.11 -11.25 7.34
CA HIS A 80 11.59 -12.51 6.77
C HIS A 80 10.54 -13.59 6.72
N GLY A 81 9.30 -13.18 6.38
CA GLY A 81 8.17 -14.09 6.19
C GLY A 81 7.42 -14.33 7.48
N GLY A 82 6.18 -14.77 7.37
CA GLY A 82 5.31 -14.84 8.53
C GLY A 82 4.59 -13.52 8.83
N TYR A 83 3.55 -13.63 9.64
CA TYR A 83 2.76 -12.51 10.08
C TYR A 83 2.83 -12.54 11.58
N VAL A 84 3.11 -11.39 12.18
CA VAL A 84 2.97 -11.14 13.63
C VAL A 84 1.57 -10.56 13.94
N TRP A 85 0.95 -10.95 15.05
CA TRP A 85 -0.30 -10.22 15.45
C TRP A 85 0.02 -8.99 16.26
N LEU A 86 -0.74 -7.93 16.01
CA LEU A 86 -0.55 -6.68 16.64
C LEU A 86 -1.88 -6.11 17.07
N GLU A 87 -1.79 -5.16 17.98
CA GLU A 87 -2.90 -4.29 18.29
C GLU A 87 -2.30 -2.91 18.42
N THR A 88 -3.04 -1.89 18.03
CA THR A 88 -2.52 -0.58 17.89
C THR A 88 -3.53 0.38 18.42
N GLN A 89 -3.03 1.32 19.23
CA GLN A 89 -3.84 2.50 19.54
C GLN A 89 -3.33 3.66 18.71
N GLY A 90 -4.21 4.27 17.92
CA GLY A 90 -3.88 5.41 16.98
C GLY A 90 -4.47 6.69 17.49
N THR A 91 -3.74 7.79 17.34
CA THR A 91 -4.22 9.12 17.71
C THR A 91 -3.78 10.13 16.71
N VAL A 92 -4.69 11.00 16.30
CA VAL A 92 -4.38 12.02 15.30
C VAL A 92 -3.93 13.22 16.09
N ILE A 93 -2.87 13.85 15.64
CA ILE A 93 -2.34 15.05 16.26
C ILE A 93 -2.74 16.14 15.29
N TYR A 94 -3.52 17.11 15.78
CA TYR A 94 -4.05 18.22 14.93
C TYR A 94 -3.29 19.56 15.01
N PRO A 101 -5.09 18.20 10.42
CA PRO A 101 -4.50 17.04 11.10
C PRO A 101 -3.06 17.09 10.69
N GLN A 102 -2.12 16.76 11.57
CA GLN A 102 -0.71 16.89 11.16
C GLN A 102 -0.06 15.51 11.01
N CYS A 103 -0.47 14.55 11.82
CA CYS A 103 0.13 13.23 11.80
C CYS A 103 -0.63 12.28 12.69
N ILE A 104 -0.35 10.99 12.53
CA ILE A 104 -1.00 9.98 13.32
C ILE A 104 0.05 9.31 14.12
N MET A 105 -0.23 9.19 15.41
CA MET A 105 0.72 8.52 16.32
C MET A 105 0.16 7.14 16.71
N CYS A 106 0.97 6.10 16.61
CA CYS A 106 0.52 4.75 16.91
C CYS A 106 1.34 4.14 17.97
N VAL A 107 0.62 3.54 18.92
CA VAL A 107 1.33 2.82 19.95
C VAL A 107 1.05 1.38 19.61
N ASN A 108 2.07 0.60 19.27
CA ASN A 108 1.73 -0.66 18.65
C ASN A 108 2.16 -1.74 19.58
N TYR A 109 1.28 -2.69 19.86
CA TYR A 109 1.67 -3.81 20.75
CA TYR A 109 1.69 -3.80 20.72
C TYR A 109 1.60 -5.16 20.05
N VAL A 110 2.68 -5.91 20.14
CA VAL A 110 2.75 -7.21 19.53
C VAL A 110 2.18 -8.32 20.40
N LEU A 111 1.13 -8.93 19.88
CA LEU A 111 0.39 -9.96 20.59
C LEU A 111 1.02 -11.33 20.43
N SER A 112 1.98 -11.45 19.53
CA SER A 112 2.65 -12.73 19.29
C SER A 112 3.68 -13.04 20.37
N GLU A 113 4.42 -14.12 20.16
CA GLU A 113 5.28 -14.73 21.18
C GLU A 113 6.50 -13.89 21.60
N THR B 11 -11.66 -8.74 -19.43
CA THR B 11 -11.81 -7.26 -19.42
C THR B 11 -10.68 -6.52 -18.63
N ARG B 12 -10.73 -5.19 -18.71
CA ARG B 12 -9.57 -4.40 -18.40
C ARG B 12 -9.99 -2.99 -18.20
N PHE B 13 -9.09 -2.26 -17.56
CA PHE B 13 -9.33 -0.86 -17.24
C PHE B 13 -8.02 -0.12 -17.33
N ILE B 14 -8.11 1.12 -17.74
CA ILE B 14 -6.99 2.01 -17.83
C ILE B 14 -6.85 2.78 -16.54
N SER B 15 -5.63 3.01 -16.13
CA SER B 15 -5.38 3.95 -15.02
C SER B 15 -4.20 4.82 -15.40
N ARG B 16 -4.07 5.98 -14.73
CA ARG B 16 -2.86 6.77 -14.91
C ARG B 16 -2.18 6.94 -13.53
N HIS B 17 -0.84 6.89 -13.47
CA HIS B 17 -0.18 7.06 -12.18
C HIS B 17 0.91 8.06 -12.28
N ASN B 18 1.33 8.58 -11.12
CA ASN B 18 2.43 9.46 -11.12
C ASN B 18 3.59 8.48 -11.00
N ILE B 19 4.81 8.98 -11.15
CA ILE B 19 5.92 8.03 -11.08
C ILE B 19 6.01 7.27 -9.73
N GLU B 20 5.36 7.73 -8.66
CA GLU B 20 5.48 6.99 -7.37
C GLU B 20 4.45 5.81 -7.23
N GLY B 21 3.58 5.70 -8.23
CA GLY B 21 2.65 4.59 -8.28
C GLY B 21 1.25 5.01 -7.89
N ILE B 22 1.10 6.26 -7.51
CA ILE B 22 -0.18 6.72 -7.05
C ILE B 22 -1.18 6.80 -8.20
N PHE B 23 -2.36 6.25 -8.01
CA PHE B 23 -3.43 6.31 -9.02
C PHE B 23 -3.82 7.79 -9.17
N THR B 24 -3.84 8.35 -10.40
CA THR B 24 -4.28 9.75 -10.54
C THR B 24 -5.50 9.86 -11.41
N PHE B 25 -5.84 8.76 -12.06
CA PHE B 25 -7.00 8.65 -12.89
C PHE B 25 -7.38 7.14 -12.98
N VAL B 26 -8.65 6.75 -12.91
CA VAL B 26 -9.00 5.32 -13.05
C VAL B 26 -10.27 5.24 -13.87
N ASP B 27 -10.28 4.46 -14.96
CA ASP B 27 -11.52 4.28 -15.71
C ASP B 27 -12.55 3.39 -14.96
N HIS B 28 -13.82 3.65 -15.17
CA HIS B 28 -14.91 3.01 -14.40
C HIS B 28 -15.09 1.54 -14.72
N ARG B 29 -14.53 1.08 -15.84
CA ARG B 29 -14.39 -0.36 -16.15
C ARG B 29 -13.73 -1.16 -15.00
N CYS B 30 -13.00 -0.47 -14.10
CA CYS B 30 -12.41 -1.12 -12.91
C CYS B 30 -13.39 -1.81 -11.97
N VAL B 31 -14.67 -1.42 -12.01
CA VAL B 31 -15.65 -2.00 -11.04
C VAL B 31 -15.79 -3.49 -11.33
N ALA B 32 -16.02 -3.77 -12.60
CA ALA B 32 -16.19 -5.11 -13.12
C ALA B 32 -14.87 -5.90 -13.11
N THR B 33 -13.76 -5.20 -13.12
CA THR B 33 -12.51 -5.92 -13.18
C THR B 33 -11.99 -6.29 -11.78
N VAL B 34 -12.01 -5.37 -10.82
CA VAL B 34 -11.38 -5.64 -9.54
C VAL B 34 -12.33 -5.28 -8.39
N GLY B 35 -13.48 -4.79 -8.73
CA GLY B 35 -14.45 -4.62 -7.68
C GLY B 35 -14.54 -3.28 -7.00
N TYR B 36 -13.50 -2.45 -7.06
CA TYR B 36 -13.57 -1.11 -6.46
C TYR B 36 -14.24 -0.04 -7.34
N GLN B 37 -14.73 1.02 -6.71
CA GLN B 37 -15.17 2.21 -7.44
C GLN B 37 -13.92 3.05 -7.72
N PRO B 38 -13.96 3.93 -8.77
CA PRO B 38 -12.77 4.73 -9.05
C PRO B 38 -12.24 5.49 -7.84
N GLN B 39 -13.14 6.08 -7.07
CA GLN B 39 -12.72 6.82 -5.86
C GLN B 39 -12.07 5.93 -4.77
N GLU B 40 -12.30 4.62 -4.76
CA GLU B 40 -11.58 3.79 -3.78
C GLU B 40 -10.13 3.54 -4.20
N LEU B 41 -9.80 3.87 -5.44
CA LEU B 41 -8.43 3.64 -5.92
C LEU B 41 -7.65 4.97 -6.01
N LEU B 42 -8.38 6.05 -6.33
CA LEU B 42 -7.80 7.38 -6.66
C LEU B 42 -7.11 7.84 -5.41
N GLY B 43 -5.85 8.21 -5.51
CA GLY B 43 -5.15 8.69 -4.33
C GLY B 43 -4.22 7.65 -3.76
N LYS B 44 -4.56 6.40 -3.92
CA LYS B 44 -3.78 5.37 -3.29
C LYS B 44 -2.68 4.83 -4.16
N ASN B 45 -1.64 4.32 -3.55
CA ASN B 45 -0.62 3.74 -4.36
C ASN B 45 -0.97 2.30 -4.85
N ILE B 46 -0.68 1.99 -6.12
CA ILE B 46 -1.13 0.72 -6.68
C ILE B 46 -0.52 -0.42 -5.86
N VAL B 47 0.68 -0.19 -5.35
CA VAL B 47 1.43 -1.20 -4.60
C VAL B 47 0.70 -1.64 -3.29
N GLU B 48 -0.27 -0.84 -2.83
CA GLU B 48 -1.07 -1.13 -1.67
C GLU B 48 -2.11 -2.22 -2.01
N PHE B 49 -2.40 -2.45 -3.31
CA PHE B 49 -3.31 -3.47 -3.68
C PHE B 49 -2.56 -4.73 -4.16
N CYS B 50 -1.26 -4.70 -4.09
CA CYS B 50 -0.47 -5.79 -4.61
C CYS B 50 0.04 -6.76 -3.54
N HIS B 51 0.11 -8.03 -3.92
CA HIS B 51 0.61 -9.12 -3.11
C HIS B 51 2.01 -8.85 -2.65
N PRO B 52 2.25 -9.09 -1.33
CA PRO B 52 3.53 -8.74 -0.71
C PRO B 52 4.69 -9.40 -1.47
N GLU B 53 4.48 -10.57 -2.03
CA GLU B 53 5.57 -11.20 -2.81
C GLU B 53 5.78 -10.48 -4.14
N ASP B 54 4.82 -9.68 -4.57
CA ASP B 54 4.90 -9.03 -5.89
C ASP B 54 5.09 -7.53 -5.78
N GLN B 55 5.02 -6.97 -4.55
CA GLN B 55 5.32 -5.56 -4.30
C GLN B 55 6.61 -5.01 -4.89
N GLN B 56 7.72 -5.70 -4.69
CA GLN B 56 9.00 -5.18 -5.12
C GLN B 56 9.13 -5.17 -6.67
N LEU B 57 8.76 -6.29 -7.30
CA LEU B 57 8.75 -6.39 -8.80
C LEU B 57 7.96 -5.22 -9.36
N LEU B 58 6.85 -4.93 -8.71
CA LEU B 58 6.01 -3.86 -9.17
C LEU B 58 6.64 -2.47 -8.97
N ARG B 59 7.22 -2.22 -7.80
CA ARG B 59 7.96 -0.97 -7.59
C ARG B 59 9.06 -0.85 -8.60
N ASP B 60 9.82 -1.94 -8.80
CA ASP B 60 10.90 -1.89 -9.78
C ASP B 60 10.36 -1.69 -11.18
N SER B 61 9.12 -2.10 -11.46
CA SER B 61 8.59 -1.92 -12.79
C SER B 61 8.22 -0.47 -13.08
N PHE B 62 7.58 0.20 -12.12
CA PHE B 62 7.38 1.62 -12.21
C PHE B 62 8.71 2.34 -12.38
N GLN B 63 9.73 1.96 -11.61
CA GLN B 63 11.05 2.58 -11.80
C GLN B 63 11.61 2.41 -13.22
N GLN B 64 11.50 1.22 -13.76
CA GLN B 64 11.98 1.03 -15.11
C GLN B 64 11.15 1.62 -16.23
N VAL B 65 9.82 1.60 -16.14
CA VAL B 65 9.04 2.12 -17.25
C VAL B 65 9.54 3.55 -17.58
N VAL B 66 9.94 4.33 -16.58
CA VAL B 66 10.30 5.72 -16.88
C VAL B 66 11.66 5.82 -17.57
N LYS B 67 12.42 4.73 -17.61
CA LYS B 67 13.68 4.74 -18.34
C LYS B 67 13.61 4.13 -19.70
N LEU B 68 12.45 3.61 -20.09
CA LEU B 68 12.46 2.83 -21.32
C LEU B 68 12.07 3.67 -22.56
N LYS B 69 12.14 4.99 -22.45
CA LYS B 69 11.95 5.86 -23.62
C LYS B 69 10.49 5.83 -24.16
N GLY B 70 9.52 5.86 -23.25
CA GLY B 70 8.11 5.75 -23.66
C GLY B 70 7.66 4.39 -24.23
N GLN B 71 8.54 3.36 -24.23
CA GLN B 71 8.22 1.96 -24.70
C GLN B 71 7.33 1.28 -23.63
N VAL B 72 6.69 0.18 -24.00
CA VAL B 72 5.70 -0.53 -23.18
C VAL B 72 6.40 -1.52 -22.23
N LEU B 73 6.10 -1.42 -20.94
CA LEU B 73 6.56 -2.39 -20.02
C LEU B 73 5.35 -3.14 -19.44
N SER B 74 5.48 -4.46 -19.42
CA SER B 74 4.40 -5.33 -18.96
C SER B 74 4.84 -5.95 -17.61
N VAL B 75 3.92 -6.09 -16.68
CA VAL B 75 4.16 -6.75 -15.40
C VAL B 75 2.94 -7.65 -15.02
N MET B 76 3.22 -8.83 -14.45
CA MET B 76 2.15 -9.64 -13.95
C MET B 76 2.19 -9.73 -12.45
N PHE B 77 1.09 -9.48 -11.78
CA PHE B 77 1.10 -9.47 -10.29
C PHE B 77 -0.29 -9.77 -9.78
N ARG B 78 -0.35 -10.04 -8.51
CA ARG B 78 -1.60 -10.30 -7.80
C ARG B 78 -2.08 -9.07 -7.14
N PHE B 79 -3.37 -8.84 -7.40
CA PHE B 79 -4.03 -7.64 -7.08
C PHE B 79 -5.20 -8.03 -6.22
N ARG B 80 -5.33 -7.41 -5.05
CA ARG B 80 -6.36 -7.80 -4.13
C ARG B 80 -7.68 -7.13 -4.51
N SER B 81 -8.64 -7.93 -4.99
CA SER B 81 -9.97 -7.40 -5.40
C SER B 81 -10.81 -6.95 -4.18
N LYS B 82 -11.91 -6.26 -4.40
CA LYS B 82 -12.72 -5.75 -3.28
C LYS B 82 -13.31 -6.97 -2.53
N ASN B 83 -13.84 -7.92 -3.29
CA ASN B 83 -14.30 -9.20 -2.77
C ASN B 83 -13.19 -10.10 -2.27
N GLN B 84 -12.06 -9.48 -1.95
CA GLN B 84 -11.08 -10.04 -1.02
C GLN B 84 -9.96 -10.94 -1.55
N GLU B 85 -10.11 -11.34 -2.81
CA GLU B 85 -9.34 -12.37 -3.47
C GLU B 85 -8.13 -11.88 -4.29
N TRP B 86 -7.07 -12.66 -4.34
CA TRP B 86 -5.92 -12.37 -5.22
C TRP B 86 -6.23 -12.66 -6.66
N LEU B 87 -6.31 -11.63 -7.50
CA LEU B 87 -6.51 -11.80 -8.97
C LEU B 87 -5.19 -11.60 -9.70
N TRP B 88 -4.95 -12.39 -10.73
CA TRP B 88 -3.80 -12.20 -11.52
C TRP B 88 -4.10 -11.11 -12.53
N MET B 89 -3.23 -10.12 -12.51
CA MET B 89 -3.28 -8.95 -13.38
C MET B 89 -2.09 -8.85 -14.26
N ARG B 90 -2.34 -8.52 -15.51
CA ARG B 90 -1.30 -8.11 -16.44
C ARG B 90 -1.46 -6.57 -16.64
N THR B 91 -0.43 -5.80 -16.29
CA THR B 91 -0.47 -4.33 -16.39
C THR B 91 0.54 -3.99 -17.44
N SER B 92 0.09 -3.42 -18.55
CA SER B 92 0.99 -2.88 -19.56
C SER B 92 0.98 -1.37 -19.44
N SER B 93 2.15 -0.82 -19.38
CA SER B 93 2.25 0.57 -19.02
C SER B 93 3.33 1.26 -19.85
N PHE B 94 3.22 2.58 -19.97
CA PHE B 94 4.14 3.39 -20.78
C PHE B 94 4.13 4.81 -20.25
N THR B 95 5.26 5.52 -20.36
CA THR B 95 5.26 6.94 -19.93
C THR B 95 4.66 7.79 -21.05
N PHE B 96 4.00 8.89 -20.69
CA PHE B 96 3.66 9.93 -21.65
C PHE B 96 4.11 11.26 -21.06
N GLN B 97 4.65 12.09 -21.94
CA GLN B 97 5.02 13.43 -21.59
C GLN B 97 4.79 14.29 -22.86
N ASN B 98 3.96 15.29 -22.68
CA ASN B 98 3.56 16.17 -23.79
C ASN B 98 4.86 16.91 -24.23
N PRO B 99 5.34 16.63 -25.45
CA PRO B 99 6.61 17.19 -25.88
C PRO B 99 6.55 18.76 -26.12
N TYR B 100 5.36 19.35 -26.14
CA TYR B 100 5.23 20.84 -26.00
C TYR B 100 5.65 21.46 -24.65
N SER B 101 5.81 20.61 -23.64
CA SER B 101 6.11 21.06 -22.28
C SER B 101 7.24 20.26 -21.65
N ASP B 102 7.67 20.70 -20.49
CA ASP B 102 8.65 19.96 -19.76
C ASP B 102 8.13 19.46 -18.42
N GLU B 103 6.84 19.16 -18.39
CA GLU B 103 6.27 18.58 -17.19
C GLU B 103 6.77 17.15 -16.96
N ILE B 104 6.88 16.76 -15.71
CA ILE B 104 7.22 15.38 -15.36
C ILE B 104 6.31 14.36 -16.08
N GLU B 105 6.88 13.31 -16.64
CA GLU B 105 6.02 12.34 -17.28
C GLU B 105 5.24 11.57 -16.24
N TYR B 106 4.19 10.94 -16.71
CA TYR B 106 3.43 10.05 -15.92
C TYR B 106 3.19 8.78 -16.74
N ILE B 107 2.60 7.83 -16.04
CA ILE B 107 2.48 6.50 -16.50
C ILE B 107 1.01 6.25 -16.84
N ILE B 108 0.82 5.70 -18.02
CA ILE B 108 -0.49 5.22 -18.45
C ILE B 108 -0.44 3.68 -18.40
N CYS B 109 -1.49 3.08 -17.82
CA CYS B 109 -1.60 1.61 -17.57
C CYS B 109 -2.86 1.05 -18.12
N THR B 110 -2.73 -0.09 -18.80
CA THR B 110 -3.89 -0.91 -19.01
C THR B 110 -3.82 -2.15 -18.11
N ASN B 111 -4.91 -2.45 -17.42
CA ASN B 111 -4.87 -3.52 -16.38
C ASN B 111 -5.87 -4.61 -16.69
N THR B 112 -5.40 -5.80 -17.01
CA THR B 112 -6.30 -6.93 -17.43
C THR B 112 -6.18 -8.13 -16.47
N ASN B 113 -7.29 -8.75 -16.07
CA ASN B 113 -7.31 -10.08 -15.33
C ASN B 113 -6.94 -11.17 -16.28
N VAL B 114 -5.81 -11.82 -16.04
CA VAL B 114 -5.37 -12.91 -16.89
C VAL B 114 -5.24 -14.22 -16.06
N LYS B 115 -5.10 -15.34 -16.75
CA LYS B 115 -4.92 -16.61 -16.12
C LYS B 115 -3.43 -16.76 -15.79
N ASN B 116 -3.05 -17.22 -14.58
CA ASN B 116 -1.68 -17.71 -14.41
C ASN B 116 -1.58 -19.20 -14.78
N SER B 117 -1.31 -19.58 -16.04
CA SER B 117 -1.37 -21.02 -16.40
C SER B 117 -0.89 -21.42 -17.80
C2 ULM C . -1.20 1.38 11.54
C3 ULM C . -1.90 0.59 12.46
N4 ULM C . -3.09 1.01 12.93
C8 ULM C . -1.71 2.56 11.15
C9 ULM C . -1.09 3.54 10.18
C5 ULM C . -1.97 4.76 10.49
F1 ULM C . -2.12 5.61 9.41
C7 ULM C . -2.93 2.95 11.62
C1 ULM C . -3.64 2.16 12.52
C6 ULM C . -3.30 4.28 11.05
O2 ULM C . -4.20 4.07 9.94
C11 ULM C . -4.97 2.55 13.10
F12 ULM C . -5.52 1.56 13.78
F13 ULM C . -5.83 2.96 12.20
F14 ULM C . -4.75 3.49 13.96
O1 ULM C . 0.01 1.02 11.07
C10 ULM C . 0.66 -0.11 11.62
C12 ULM C . 1.38 0.23 12.93
C13 ULM C . 2.01 -0.34 10.92
C14 ULM C . 2.63 -0.38 12.31
F15 ULM C . 2.86 -1.59 12.76
F16 ULM C . 3.72 0.32 12.46
#